data_6QSE
#
_entry.id   6QSE
#
_cell.length_a   53.420
_cell.length_b   56.469
_cell.length_c   69.538
_cell.angle_alpha   90.00
_cell.angle_beta   90.00
_cell.angle_gamma   90.00
#
_symmetry.space_group_name_H-M   'P 21 21 21'
#
loop_
_entity.id
_entity.type
_entity.pdbx_description
1 polymer Pizza6S
2 non-polymer 6-tungstotellurate(VI)
3 water water
#
_entity_poly.entity_id   1
_entity_poly.type   'polypeptide(L)'
_entity_poly.pdbx_seq_one_letter_code
;GSHMSNTQTVLPFTGLNTPSGVAVDSAGTVYVTDHGNNRVVKLAAGSNTQTVLPFTGLNTPSGVAVDSAGTVYVTDHGNN
RVVKLAAGSNTQTVLPFTGLNTPSGVAVDSAGTVYVTDHGNNRVVKLAAGSNTQTVLPFTGLNTPSGVAVDSAGTVYVTD
HGNNRVVKLAAGSNTQTVLPFTGLNTPSGVAVDSAGTVYVTDHGNNRVVKLAAGSNTQTVLPFTGLNTPSGVAVDSAGTV
YVTDHGNNRVVKLAAG
;
_entity_poly.pdbx_strand_id   A
#
# COMPACT_ATOMS: atom_id res chain seq x y z
N SER A 5 4.38 21.10 -4.79
CA SER A 5 3.21 21.53 -5.54
C SER A 5 1.98 21.62 -4.64
N ASN A 6 1.12 22.60 -4.93
CA ASN A 6 -0.16 22.75 -4.24
C ASN A 6 -1.34 22.36 -5.12
N THR A 7 -1.09 21.85 -6.32
CA THR A 7 -2.13 21.57 -7.30
C THR A 7 -2.03 20.12 -7.75
N GLN A 8 -2.99 19.30 -7.32
CA GLN A 8 -3.01 17.92 -7.72
C GLN A 8 -3.45 17.78 -9.18
N THR A 9 -3.15 16.62 -9.76
CA THR A 9 -3.68 16.22 -11.06
C THR A 9 -4.37 14.88 -10.90
N VAL A 10 -5.45 14.68 -11.66
CA VAL A 10 -6.20 13.44 -11.62
C VAL A 10 -5.70 12.56 -12.77
N LEU A 11 -5.26 11.36 -12.43
CA LEU A 11 -4.70 10.46 -13.42
C LEU A 11 -5.81 9.94 -14.33
N PRO A 12 -5.54 9.79 -15.64
CA PRO A 12 -6.59 9.39 -16.60
C PRO A 12 -6.95 7.91 -16.58
N PHE A 13 -7.18 7.37 -15.38
CA PHE A 13 -7.87 6.09 -15.30
C PHE A 13 -9.34 6.28 -15.66
N THR A 14 -9.98 5.20 -16.10
CA THR A 14 -11.39 5.26 -16.47
C THR A 14 -12.16 4.12 -15.83
N GLY A 15 -13.41 4.40 -15.47
CA GLY A 15 -14.31 3.38 -14.99
C GLY A 15 -13.93 2.73 -13.67
N LEU A 16 -13.07 3.38 -12.88
CA LEU A 16 -12.72 2.82 -11.58
C LEU A 16 -13.94 2.78 -10.67
N ASN A 17 -13.97 1.80 -9.79
CA ASN A 17 -15.05 1.66 -8.80
C ASN A 17 -14.41 1.36 -7.45
N THR A 18 -14.47 2.34 -6.56
CA THR A 18 -13.93 2.20 -5.20
C THR A 18 -12.50 1.67 -5.20
N PRO A 19 -11.57 2.39 -5.83
CA PRO A 19 -10.19 1.90 -5.89
C PRO A 19 -9.52 1.94 -4.53
N SER A 20 -8.64 0.97 -4.29
CA SER A 20 -8.03 0.83 -2.97
C SER A 20 -6.52 1.05 -3.01
N GLY A 21 -5.76 0.03 -3.43
CA GLY A 21 -4.31 0.13 -3.39
C GLY A 21 -3.74 0.84 -4.61
N VAL A 22 -2.55 1.42 -4.42
CA VAL A 22 -1.81 2.04 -5.51
C VAL A 22 -0.32 1.77 -5.28
N ALA A 23 0.41 1.55 -6.37
CA ALA A 23 1.85 1.38 -6.35
C ALA A 23 2.43 2.04 -7.59
N VAL A 24 3.74 2.33 -7.53
CA VAL A 24 4.44 2.97 -8.64
C VAL A 24 5.84 2.36 -8.74
N ASP A 25 6.25 2.02 -9.96
CA ASP A 25 7.56 1.41 -10.17
C ASP A 25 8.60 2.46 -10.54
N SER A 26 9.84 2.00 -10.74
CA SER A 26 10.95 2.91 -11.00
C SER A 26 10.81 3.65 -12.32
N ALA A 27 9.94 3.20 -13.22
CA ALA A 27 9.69 3.87 -14.48
C ALA A 27 8.53 4.85 -14.41
N GLY A 28 7.91 5.02 -13.24
CA GLY A 28 6.78 5.92 -13.09
C GLY A 28 5.44 5.31 -13.45
N THR A 29 5.39 4.02 -13.78
CA THR A 29 4.12 3.36 -14.07
C THR A 29 3.31 3.19 -12.79
N VAL A 30 2.03 3.55 -12.84
CA VAL A 30 1.15 3.52 -11.69
C VAL A 30 0.23 2.31 -11.79
N TYR A 31 0.14 1.53 -10.72
CA TYR A 31 -0.70 0.36 -10.63
C TYR A 31 -1.78 0.61 -9.58
N VAL A 32 -3.03 0.28 -9.91
CA VAL A 32 -4.16 0.55 -9.03
C VAL A 32 -5.02 -0.71 -8.96
N THR A 33 -5.37 -1.12 -7.74
CA THR A 33 -6.35 -2.19 -7.54
C THR A 33 -7.74 -1.59 -7.69
N ASP A 34 -8.39 -1.86 -8.82
CA ASP A 34 -9.77 -1.43 -9.05
C ASP A 34 -10.68 -2.38 -8.27
N HIS A 35 -10.83 -2.06 -6.99
CA HIS A 35 -11.40 -3.01 -6.03
C HIS A 35 -12.82 -3.41 -6.39
N GLY A 36 -13.65 -2.44 -6.77
CA GLY A 36 -15.04 -2.72 -7.10
C GLY A 36 -15.25 -3.45 -8.41
N ASN A 37 -14.23 -3.52 -9.26
CA ASN A 37 -14.33 -4.22 -10.54
C ASN A 37 -13.44 -5.45 -10.61
N ASN A 38 -12.84 -5.86 -9.50
CA ASN A 38 -12.07 -7.11 -9.41
C ASN A 38 -10.94 -7.16 -10.44
N ARG A 39 -10.20 -6.05 -10.56
CA ARG A 39 -9.15 -5.99 -11.56
C ARG A 39 -8.05 -5.05 -11.09
N VAL A 40 -6.87 -5.22 -11.70
CA VAL A 40 -5.73 -4.35 -11.47
C VAL A 40 -5.38 -3.68 -12.80
N VAL A 41 -5.31 -2.35 -12.79
CA VAL A 41 -5.05 -1.57 -13.99
C VAL A 41 -3.75 -0.81 -13.80
N LYS A 42 -3.04 -0.56 -14.90
CA LYS A 42 -1.79 0.16 -14.85
C LYS A 42 -1.75 1.23 -15.93
N LEU A 43 -0.97 2.27 -15.66
CA LEU A 43 -0.91 3.47 -16.49
C LEU A 43 0.54 3.90 -16.56
N ALA A 44 1.13 3.84 -17.75
CA ALA A 44 2.50 4.30 -17.93
C ALA A 44 2.53 5.83 -17.87
N ALA A 45 3.69 6.36 -17.46
CA ALA A 45 3.85 7.79 -17.35
C ALA A 45 3.62 8.46 -18.70
N GLY A 46 2.67 9.40 -18.74
CA GLY A 46 2.37 10.16 -19.93
C GLY A 46 1.32 9.57 -20.84
N SER A 47 0.74 8.42 -20.50
CA SER A 47 -0.20 7.73 -21.37
C SER A 47 -1.64 7.97 -20.93
N ASN A 48 -2.55 7.87 -21.90
CA ASN A 48 -3.98 8.03 -21.65
C ASN A 48 -4.73 6.70 -21.64
N THR A 49 -4.06 5.60 -21.96
CA THR A 49 -4.69 4.29 -22.07
C THR A 49 -4.25 3.43 -20.89
N GLN A 50 -5.22 2.96 -20.12
CA GLN A 50 -4.94 2.06 -19.01
C GLN A 50 -4.95 0.62 -19.51
N THR A 51 -4.15 -0.22 -18.87
CA THR A 51 -4.00 -1.63 -19.22
C THR A 51 -4.50 -2.47 -18.07
N VAL A 52 -5.46 -3.35 -18.33
CA VAL A 52 -5.92 -4.29 -17.31
C VAL A 52 -4.98 -5.49 -17.31
N LEU A 53 -4.36 -5.74 -16.16
CA LEU A 53 -3.40 -6.82 -16.05
C LEU A 53 -4.10 -8.18 -16.11
N PRO A 54 -3.42 -9.21 -16.61
CA PRO A 54 -4.08 -10.52 -16.76
C PRO A 54 -4.16 -11.31 -15.47
N PHE A 55 -4.49 -10.66 -14.36
CA PHE A 55 -4.87 -11.40 -13.17
C PHE A 55 -6.21 -12.10 -13.43
N THR A 56 -6.44 -13.17 -12.68
CA THR A 56 -7.60 -14.00 -12.94
C THR A 56 -8.26 -14.40 -11.62
N GLY A 57 -9.59 -14.34 -11.61
CA GLY A 57 -10.35 -14.77 -10.44
C GLY A 57 -10.17 -13.91 -9.21
N LEU A 58 -9.93 -12.62 -9.39
CA LEU A 58 -9.79 -11.72 -8.25
C LEU A 58 -11.14 -11.44 -7.61
N ASN A 59 -11.12 -11.19 -6.30
CA ASN A 59 -12.33 -10.94 -5.52
C ASN A 59 -12.02 -9.81 -4.56
N THR A 60 -12.64 -8.65 -4.78
CA THR A 60 -12.41 -7.41 -4.04
C THR A 60 -10.93 -7.22 -3.68
N PRO A 61 -10.05 -7.12 -4.68
CA PRO A 61 -8.62 -6.96 -4.37
C PRO A 61 -8.35 -5.68 -3.60
N SER A 62 -7.31 -5.73 -2.77
CA SER A 62 -7.02 -4.62 -1.87
C SER A 62 -5.69 -3.95 -2.19
N GLY A 63 -4.60 -4.50 -1.65
CA GLY A 63 -3.30 -3.89 -1.84
C GLY A 63 -2.62 -4.33 -3.12
N VAL A 64 -1.65 -3.52 -3.56
CA VAL A 64 -0.81 -3.85 -4.71
C VAL A 64 0.60 -3.36 -4.45
N ALA A 65 1.59 -4.13 -4.92
CA ALA A 65 2.99 -3.77 -4.78
C ALA A 65 3.73 -4.26 -6.00
N VAL A 66 4.85 -3.60 -6.32
CA VAL A 66 5.67 -3.93 -7.47
C VAL A 66 7.13 -3.92 -7.05
N ASP A 67 7.87 -4.98 -7.38
CA ASP A 67 9.27 -5.09 -7.02
C ASP A 67 10.15 -4.65 -8.19
N SER A 68 11.47 -4.77 -8.00
CA SER A 68 12.43 -4.30 -8.99
C SER A 68 12.30 -5.07 -10.30
N ALA A 69 12.06 -6.37 -10.22
CA ALA A 69 11.93 -7.17 -11.44
C ALA A 69 10.61 -6.95 -12.17
N GLY A 70 9.78 -6.00 -11.76
CA GLY A 70 8.50 -5.80 -12.41
C GLY A 70 7.41 -6.77 -11.99
N THR A 71 7.67 -7.62 -11.00
CA THR A 71 6.64 -8.51 -10.50
C THR A 71 5.59 -7.71 -9.74
N VAL A 72 4.32 -7.98 -10.01
CA VAL A 72 3.21 -7.28 -9.38
C VAL A 72 2.55 -8.22 -8.38
N TYR A 73 2.36 -7.75 -7.15
CA TYR A 73 1.73 -8.51 -6.08
C TYR A 73 0.42 -7.84 -5.70
N VAL A 74 -0.62 -8.65 -5.53
CA VAL A 74 -1.95 -8.14 -5.20
C VAL A 74 -2.52 -8.98 -4.06
N THR A 75 -3.05 -8.31 -3.04
CA THR A 75 -3.81 -9.00 -2.01
C THR A 75 -5.22 -9.25 -2.54
N ASP A 76 -5.54 -10.52 -2.76
CA ASP A 76 -6.88 -10.92 -3.21
C ASP A 76 -7.75 -11.05 -1.96
N HIS A 77 -8.21 -9.88 -1.49
CA HIS A 77 -8.81 -9.78 -0.16
C HIS A 77 -10.06 -10.65 -0.04
N GLY A 78 -10.88 -10.70 -1.08
CA GLY A 78 -12.08 -11.52 -1.05
C GLY A 78 -11.85 -13.00 -1.16
N ASN A 79 -10.63 -13.42 -1.50
CA ASN A 79 -10.27 -14.83 -1.56
C ASN A 79 -9.23 -15.21 -0.52
N ASN A 80 -8.91 -14.31 0.41
CA ASN A 80 -8.00 -14.59 1.52
C ASN A 80 -6.66 -15.11 1.02
N ARG A 81 -6.13 -14.46 -0.02
CA ARG A 81 -4.88 -14.93 -0.61
C ARG A 81 -4.14 -13.75 -1.23
N VAL A 82 -2.86 -13.98 -1.52
CA VAL A 82 -1.99 -13.03 -2.21
C VAL A 82 -1.52 -13.69 -3.49
N VAL A 83 -1.69 -13.00 -4.61
CA VAL A 83 -1.27 -13.52 -5.91
C VAL A 83 -0.23 -12.58 -6.50
N LYS A 84 0.61 -13.12 -7.37
CA LYS A 84 1.63 -12.33 -8.04
C LYS A 84 1.66 -12.68 -9.52
N LEU A 85 2.16 -11.73 -10.30
CA LEU A 85 2.19 -11.83 -11.75
C LEU A 85 3.61 -11.54 -12.22
N ALA A 86 4.28 -12.54 -12.78
CA ALA A 86 5.61 -12.37 -13.33
C ALA A 86 5.50 -11.75 -14.73
N ALA A 87 6.32 -10.73 -14.98
CA ALA A 87 6.28 -10.04 -16.26
C ALA A 87 6.63 -11.01 -17.39
N GLY A 88 6.08 -10.73 -18.57
CA GLY A 88 6.35 -11.54 -19.75
C GLY A 88 5.49 -12.77 -19.86
N SER A 89 5.76 -13.77 -19.01
CA SER A 89 5.02 -15.03 -19.08
C SER A 89 3.54 -14.83 -18.78
N ASN A 90 3.21 -13.86 -17.94
CA ASN A 90 1.82 -13.53 -17.57
C ASN A 90 1.12 -14.69 -16.89
N THR A 91 1.88 -15.57 -16.25
CA THR A 91 1.30 -16.62 -15.42
C THR A 91 1.15 -16.11 -14.00
N GLN A 92 -0.06 -16.23 -13.46
CA GLN A 92 -0.35 -15.82 -12.09
C GLN A 92 -0.14 -16.99 -11.16
N THR A 93 0.47 -16.73 -10.01
CA THR A 93 0.70 -17.75 -9.00
C THR A 93 0.24 -17.24 -7.65
N VAL A 94 -0.28 -18.15 -6.84
CA VAL A 94 -0.70 -17.84 -5.48
C VAL A 94 0.51 -18.00 -4.57
N LEU A 95 0.80 -16.96 -3.79
CA LEU A 95 1.88 -17.05 -2.82
C LEU A 95 1.48 -18.00 -1.69
N PRO A 96 2.41 -18.79 -1.17
CA PRO A 96 2.09 -19.79 -0.14
C PRO A 96 1.93 -19.24 1.27
N PHE A 97 1.19 -18.14 1.40
CA PHE A 97 0.71 -17.74 2.72
C PHE A 97 -0.35 -18.74 3.18
N THR A 98 -0.62 -18.74 4.50
CA THR A 98 -1.65 -19.61 5.03
C THR A 98 -2.38 -18.93 6.18
N GLY A 99 -3.66 -19.25 6.31
CA GLY A 99 -4.46 -18.75 7.41
C GLY A 99 -4.75 -17.27 7.36
N LEU A 100 -4.75 -16.66 6.17
CA LEU A 100 -5.08 -15.25 6.06
C LEU A 100 -6.59 -15.06 6.15
N ASN A 101 -6.99 -13.91 6.68
CA ASN A 101 -8.40 -13.53 6.73
C ASN A 101 -8.52 -12.06 6.34
N THR A 102 -9.29 -11.80 5.29
CA THR A 102 -9.47 -10.49 4.68
C THR A 102 -8.16 -9.69 4.68
N PRO A 103 -7.11 -10.22 4.04
CA PRO A 103 -5.84 -9.47 4.00
C PRO A 103 -6.02 -8.16 3.24
N SER A 104 -5.24 -7.16 3.64
CA SER A 104 -5.39 -5.84 3.03
C SER A 104 -4.12 -5.37 2.37
N GLY A 105 -3.25 -4.70 3.13
CA GLY A 105 -2.06 -4.13 2.55
C GLY A 105 -1.02 -5.18 2.18
N VAL A 106 -0.16 -4.82 1.22
CA VAL A 106 0.94 -5.66 0.80
C VAL A 106 2.12 -4.76 0.44
N ALA A 107 3.33 -5.23 0.74
CA ALA A 107 4.54 -4.51 0.40
C ALA A 107 5.62 -5.54 0.10
N VAL A 108 6.63 -5.11 -0.67
CA VAL A 108 7.77 -5.95 -1.02
C VAL A 108 9.04 -5.14 -0.83
N ASP A 109 10.05 -5.76 -0.21
CA ASP A 109 11.31 -5.07 0.04
C ASP A 109 12.31 -5.43 -1.05
N SER A 110 13.54 -4.91 -0.89
CA SER A 110 14.57 -5.13 -1.90
C SER A 110 14.98 -6.59 -1.99
N ALA A 111 14.74 -7.38 -0.94
CA ALA A 111 15.07 -8.79 -0.95
C ALA A 111 14.02 -9.66 -1.62
N GLY A 112 12.91 -9.08 -2.07
CA GLY A 112 11.80 -9.86 -2.57
C GLY A 112 10.92 -10.44 -1.50
N THR A 113 11.14 -10.09 -0.24
CA THR A 113 10.27 -10.54 0.84
C THR A 113 8.94 -9.79 0.78
N VAL A 114 7.85 -10.54 0.89
CA VAL A 114 6.50 -9.99 0.77
C VAL A 114 5.89 -9.87 2.15
N TYR A 115 5.34 -8.70 2.46
CA TYR A 115 4.67 -8.42 3.72
C TYR A 115 3.20 -8.18 3.45
N VAL A 116 2.33 -8.78 4.26
CA VAL A 116 0.89 -8.61 4.12
C VAL A 116 0.29 -8.33 5.49
N THR A 117 -0.64 -7.38 5.54
CA THR A 117 -1.42 -7.13 6.75
C THR A 117 -2.59 -8.10 6.75
N ASP A 118 -2.52 -9.10 7.64
CA ASP A 118 -3.61 -10.07 7.81
C ASP A 118 -4.70 -9.40 8.65
N HIS A 119 -5.47 -8.55 7.97
CA HIS A 119 -6.35 -7.60 8.63
C HIS A 119 -7.33 -8.31 9.57
N GLY A 120 -7.96 -9.39 9.11
CA GLY A 120 -8.92 -10.11 9.93
C GLY A 120 -8.32 -10.80 11.13
N ASN A 121 -7.00 -11.04 11.13
CA ASN A 121 -6.33 -11.73 12.23
C ASN A 121 -5.49 -10.79 13.08
N ASN A 122 -5.54 -9.47 12.82
CA ASN A 122 -4.83 -8.47 13.62
C ASN A 122 -3.33 -8.76 13.68
N ARG A 123 -2.73 -9.10 12.53
CA ARG A 123 -1.33 -9.45 12.50
C ARG A 123 -0.74 -9.06 11.15
N VAL A 124 0.60 -8.99 11.12
CA VAL A 124 1.37 -8.74 9.90
C VAL A 124 2.28 -9.94 9.68
N VAL A 125 2.29 -10.45 8.45
CA VAL A 125 3.02 -11.67 8.12
C VAL A 125 3.93 -11.38 6.93
N LYS A 126 5.11 -12.03 6.93
CA LYS A 126 6.04 -11.88 5.83
C LYS A 126 6.46 -13.25 5.31
N LEU A 127 6.83 -13.28 4.03
CA LEU A 127 7.21 -14.52 3.34
C LEU A 127 8.43 -14.22 2.47
N ALA A 128 9.54 -14.89 2.77
CA ALA A 128 10.75 -14.68 2.00
C ALA A 128 10.63 -15.34 0.62
N ALA A 129 11.44 -14.86 -0.31
CA ALA A 129 11.41 -15.37 -1.68
C ALA A 129 11.80 -16.84 -1.70
N GLY A 130 10.98 -17.64 -2.40
CA GLY A 130 11.27 -19.05 -2.60
C GLY A 130 10.98 -19.95 -1.41
N SER A 131 10.43 -19.44 -0.32
CA SER A 131 10.26 -20.20 0.90
C SER A 131 8.82 -20.62 1.10
N ASN A 132 8.65 -21.68 1.90
CA ASN A 132 7.35 -22.13 2.39
C ASN A 132 7.23 -21.83 3.89
N THR A 133 7.80 -20.71 4.32
CA THR A 133 7.82 -20.30 5.71
C THR A 133 7.30 -18.87 5.79
N GLN A 134 6.23 -18.66 6.55
CA GLN A 134 5.74 -17.32 6.83
C GLN A 134 6.01 -16.97 8.29
N THR A 135 6.42 -15.73 8.52
CA THR A 135 6.81 -15.25 9.84
C THR A 135 5.80 -14.22 10.32
N VAL A 136 5.33 -14.39 11.55
CA VAL A 136 4.47 -13.37 12.16
C VAL A 136 5.37 -12.31 12.78
N LEU A 137 5.24 -11.08 12.32
CA LEU A 137 6.03 -9.99 12.85
C LEU A 137 5.58 -9.68 14.29
N PRO A 138 6.51 -9.34 15.19
CA PRO A 138 6.17 -9.11 16.60
C PRO A 138 5.58 -7.72 16.88
N PHE A 139 4.60 -7.31 16.09
CA PHE A 139 3.76 -6.19 16.49
C PHE A 139 2.85 -6.63 17.62
N THR A 140 2.37 -5.66 18.41
CA THR A 140 1.50 -5.97 19.53
C THR A 140 0.34 -4.99 19.58
N GLY A 141 -0.84 -5.52 19.92
CA GLY A 141 -2.02 -4.69 20.11
C GLY A 141 -2.65 -4.18 18.83
N LEU A 142 -2.46 -4.87 17.71
CA LEU A 142 -3.02 -4.40 16.45
C LEU A 142 -4.54 -4.59 16.43
N ASN A 143 -5.23 -3.64 15.82
CA ASN A 143 -6.68 -3.66 15.70
C ASN A 143 -7.06 -3.35 14.26
N THR A 144 -7.49 -4.37 13.52
CA THR A 144 -7.81 -4.31 12.10
C THR A 144 -6.76 -3.50 11.32
N PRO A 145 -5.50 -3.97 11.29
CA PRO A 145 -4.47 -3.23 10.56
C PRO A 145 -4.75 -3.21 9.07
N SER A 146 -4.29 -2.14 8.42
CA SER A 146 -4.67 -1.88 7.03
C SER A 146 -3.45 -1.88 6.11
N GLY A 147 -2.72 -0.76 6.07
CA GLY A 147 -1.60 -0.64 5.17
C GLY A 147 -0.29 -1.10 5.76
N VAL A 148 0.65 -1.44 4.89
CA VAL A 148 1.99 -1.82 5.28
C VAL A 148 2.98 -1.22 4.29
N ALA A 149 4.15 -0.84 4.79
CA ALA A 149 5.23 -0.36 3.96
C ALA A 149 6.55 -0.77 4.58
N VAL A 150 7.61 -0.75 3.77
CA VAL A 150 8.94 -1.14 4.22
C VAL A 150 9.97 -0.26 3.52
N ASP A 151 10.91 0.29 4.28
CA ASP A 151 11.90 1.19 3.70
C ASP A 151 13.15 0.40 3.31
N SER A 152 14.16 1.12 2.82
CA SER A 152 15.38 0.48 2.34
C SER A 152 16.16 -0.18 3.46
N ALA A 153 15.98 0.25 4.71
CA ALA A 153 16.65 -0.35 5.85
C ALA A 153 15.89 -1.53 6.45
N GLY A 154 14.79 -1.96 5.80
CA GLY A 154 14.02 -3.07 6.31
C GLY A 154 13.07 -2.74 7.43
N THR A 155 12.90 -1.47 7.76
CA THR A 155 11.93 -1.07 8.77
C THR A 155 10.52 -1.22 8.21
N VAL A 156 9.63 -1.83 8.99
CA VAL A 156 8.26 -2.12 8.57
C VAL A 156 7.32 -1.13 9.24
N TYR A 157 6.45 -0.51 8.45
CA TYR A 157 5.46 0.44 8.92
C TYR A 157 4.07 -0.12 8.67
N VAL A 158 3.18 0.01 9.66
CA VAL A 158 1.84 -0.53 9.55
C VAL A 158 0.85 0.50 10.07
N THR A 159 -0.24 0.70 9.32
CA THR A 159 -1.34 1.53 9.81
C THR A 159 -2.24 0.66 10.68
N ASP A 160 -2.23 0.92 11.99
CA ASP A 160 -3.07 0.23 12.95
C ASP A 160 -4.45 0.89 12.92
N HIS A 161 -5.23 0.50 11.90
CA HIS A 161 -6.41 1.27 11.51
C HIS A 161 -7.42 1.40 12.65
N GLY A 162 -7.61 0.33 13.43
CA GLY A 162 -8.59 0.37 14.50
C GLY A 162 -8.14 1.16 15.72
N ASN A 163 -6.85 1.45 15.84
CA ASN A 163 -6.32 2.18 16.98
C ASN A 163 -5.86 3.58 16.61
N ASN A 164 -6.17 4.06 15.40
CA ASN A 164 -5.88 5.42 14.96
C ASN A 164 -4.41 5.77 15.18
N ARG A 165 -3.53 4.87 14.77
CA ARG A 165 -2.10 5.06 14.97
C ARG A 165 -1.32 4.36 13.87
N VAL A 166 -0.06 4.75 13.74
CA VAL A 166 0.87 4.14 12.81
C VAL A 166 2.07 3.64 13.61
N VAL A 167 2.46 2.39 13.35
CA VAL A 167 3.45 1.70 14.15
C VAL A 167 4.58 1.20 13.25
N LYS A 168 5.77 1.05 13.81
CA LYS A 168 6.91 0.61 13.01
C LYS A 168 7.81 -0.32 13.80
N LEU A 169 8.44 -1.25 13.09
CA LEU A 169 9.39 -2.21 13.64
C LEU A 169 10.67 -2.12 12.81
N ALA A 170 11.77 -1.75 13.46
CA ALA A 170 13.06 -1.79 12.77
C ALA A 170 13.47 -3.23 12.52
N ALA A 171 14.32 -3.43 11.51
CA ALA A 171 14.76 -4.77 11.15
C ALA A 171 15.47 -5.44 12.34
N GLY A 172 15.05 -6.65 12.65
CA GLY A 172 15.61 -7.39 13.77
C GLY A 172 15.14 -6.93 15.13
N SER A 173 14.28 -5.93 15.20
CA SER A 173 13.83 -5.39 16.46
C SER A 173 12.62 -6.14 17.00
N ASN A 174 12.48 -6.10 18.32
N ASN A 174 12.47 -6.09 18.33
CA ASN A 174 11.44 -6.85 19.07
CA ASN A 174 11.40 -6.85 19.02
C ASN A 174 10.30 -5.95 19.57
C ASN A 174 10.25 -5.94 19.49
N THR A 175 10.50 -4.64 19.67
CA THR A 175 9.47 -3.77 20.20
C THR A 175 9.16 -2.67 19.19
N GLN A 176 7.88 -2.52 18.92
CA GLN A 176 7.40 -1.51 17.99
C GLN A 176 7.47 -0.14 18.65
N THR A 177 7.49 0.89 17.80
CA THR A 177 7.37 2.27 18.26
C THR A 177 6.21 2.92 17.51
N VAL A 178 5.48 3.78 18.19
CA VAL A 178 4.33 4.46 17.62
C VAL A 178 4.78 5.80 17.05
N LEU A 179 4.48 6.04 15.78
CA LEU A 179 4.89 7.29 15.15
C LEU A 179 4.08 8.46 15.73
N PRO A 180 4.71 9.63 15.91
CA PRO A 180 4.05 10.79 16.52
C PRO A 180 3.09 11.54 15.58
N PHE A 181 2.22 10.79 14.91
CA PHE A 181 1.10 11.41 14.23
C PHE A 181 0.07 11.87 15.25
N THR A 182 -0.87 12.71 14.81
CA THR A 182 -1.90 13.18 15.72
C THR A 182 -3.21 13.35 14.98
N GLY A 183 -4.31 13.10 15.69
CA GLY A 183 -5.64 13.29 15.14
C GLY A 183 -6.00 12.36 14.01
N LEU A 184 -5.38 11.19 13.93
CA LEU A 184 -5.69 10.24 12.87
C LEU A 184 -7.08 9.64 13.08
N ASN A 185 -7.80 9.46 11.97
CA ASN A 185 -9.13 8.84 12.00
C ASN A 185 -9.12 7.70 10.98
N THR A 186 -9.24 6.47 11.49
CA THR A 186 -9.21 5.23 10.73
C THR A 186 -8.18 5.29 9.57
N PRO A 187 -6.89 5.45 9.90
CA PRO A 187 -5.89 5.54 8.84
C PRO A 187 -5.86 4.27 8.00
N SER A 188 -5.57 4.45 6.71
CA SER A 188 -5.66 3.34 5.76
C SER A 188 -4.28 2.95 5.24
N GLY A 189 -3.79 3.65 4.22
CA GLY A 189 -2.53 3.29 3.61
C GLY A 189 -1.35 4.04 4.19
N VAL A 190 -0.16 3.48 3.97
CA VAL A 190 1.09 4.07 4.41
C VAL A 190 2.14 3.87 3.33
N ALA A 191 3.01 4.85 3.17
CA ALA A 191 4.15 4.77 2.25
C ALA A 191 5.34 5.47 2.90
N VAL A 192 6.53 5.11 2.45
CA VAL A 192 7.76 5.70 2.97
C VAL A 192 8.71 5.93 1.80
N ASP A 193 9.27 7.15 1.73
CA ASP A 193 10.16 7.48 0.62
C ASP A 193 11.61 7.18 0.98
N SER A 194 12.52 7.50 0.06
CA SER A 194 13.92 7.13 0.21
C SER A 194 14.60 7.84 1.36
N ALA A 195 14.04 8.95 1.85
CA ALA A 195 14.60 9.68 2.98
C ALA A 195 13.96 9.30 4.30
N GLY A 196 13.05 8.32 4.31
CA GLY A 196 12.39 7.90 5.53
C GLY A 196 11.16 8.68 5.89
N THR A 197 10.74 9.64 5.07
CA THR A 197 9.50 10.36 5.33
C THR A 197 8.31 9.43 5.14
N VAL A 198 7.37 9.48 6.07
CA VAL A 198 6.23 8.56 6.12
C VAL A 198 4.97 9.31 5.72
N TYR A 199 4.21 8.72 4.80
CA TYR A 199 2.96 9.30 4.30
C TYR A 199 1.81 8.35 4.66
N VAL A 200 0.73 8.92 5.19
CA VAL A 200 -0.40 8.14 5.69
C VAL A 200 -1.69 8.75 5.17
N THR A 201 -2.55 7.91 4.60
CA THR A 201 -3.87 8.35 4.19
C THR A 201 -4.78 8.36 5.42
N ASP A 202 -5.06 9.55 5.95
CA ASP A 202 -5.98 9.72 7.08
C ASP A 202 -7.40 9.59 6.52
N HIS A 203 -7.83 8.34 6.39
CA HIS A 203 -9.02 8.02 5.61
C HIS A 203 -10.28 8.65 6.18
N GLY A 204 -10.43 8.61 7.51
CA GLY A 204 -11.60 9.20 8.15
C GLY A 204 -11.61 10.71 8.19
N ASN A 205 -10.50 11.36 7.84
CA ASN A 205 -10.41 12.81 7.82
C ASN A 205 -10.24 13.38 6.42
N ASN A 206 -10.35 12.54 5.38
CA ASN A 206 -10.30 12.99 3.99
C ASN A 206 -9.01 13.76 3.69
N ARG A 207 -7.88 13.27 4.21
CA ARG A 207 -6.63 14.00 4.05
C ARG A 207 -5.46 13.01 4.06
N VAL A 208 -4.32 13.50 3.58
CA VAL A 208 -3.06 12.77 3.60
C VAL A 208 -2.07 13.58 4.42
N VAL A 209 -1.41 12.92 5.37
CA VAL A 209 -0.45 13.57 6.26
C VAL A 209 0.91 12.93 6.05
N LYS A 210 1.96 13.71 6.33
CA LYS A 210 3.31 13.20 6.18
C LYS A 210 4.16 13.63 7.37
N LEU A 211 5.22 12.86 7.60
CA LEU A 211 6.03 13.01 8.80
C LEU A 211 7.48 12.70 8.44
N ALA A 212 8.34 13.71 8.54
CA ALA A 212 9.75 13.50 8.26
C ALA A 212 10.38 12.63 9.34
N ALA A 213 11.38 11.84 8.93
CA ALA A 213 12.08 10.99 9.89
C ALA A 213 12.76 11.84 10.95
N GLY A 214 12.56 11.48 12.22
CA GLY A 214 13.09 12.27 13.30
C GLY A 214 12.37 13.57 13.57
N SER A 215 11.25 13.82 12.88
CA SER A 215 10.40 14.97 13.16
C SER A 215 9.24 14.54 14.05
N ASN A 216 8.82 15.45 14.91
CA ASN A 216 7.70 15.21 15.82
C ASN A 216 6.43 15.92 15.38
N THR A 217 6.45 16.57 14.23
CA THR A 217 5.35 17.43 13.78
C THR A 217 4.94 17.04 12.37
N GLN A 218 3.69 16.63 12.20
CA GLN A 218 3.21 16.19 10.91
C GLN A 218 2.82 17.38 10.03
N THR A 219 2.60 17.09 8.75
CA THR A 219 2.20 18.08 7.76
C THR A 219 1.08 17.49 6.92
N VAL A 220 0.07 18.30 6.61
CA VAL A 220 -1.05 17.88 5.77
C VAL A 220 -0.75 18.29 4.33
N LEU A 221 -0.80 17.32 3.42
CA LEU A 221 -0.51 17.60 2.01
C LEU A 221 -1.68 18.32 1.36
N PRO A 222 -1.40 19.30 0.47
CA PRO A 222 -2.46 20.11 -0.14
C PRO A 222 -3.21 19.41 -1.27
N PHE A 223 -3.74 18.22 -0.99
CA PHE A 223 -4.68 17.60 -1.90
C PHE A 223 -6.00 18.35 -1.88
N THR A 224 -6.85 18.08 -2.88
CA THR A 224 -8.09 18.80 -3.04
C THR A 224 -9.26 17.82 -3.12
N GLY A 225 -10.23 17.98 -2.23
CA GLY A 225 -11.51 17.31 -2.38
C GLY A 225 -11.46 15.80 -2.31
N LEU A 226 -10.59 15.24 -1.48
CA LEU A 226 -10.56 13.79 -1.29
C LEU A 226 -11.77 13.34 -0.49
N ASN A 227 -12.21 12.12 -0.76
CA ASN A 227 -13.28 11.47 0.01
C ASN A 227 -12.82 10.06 0.36
N THR A 228 -12.62 9.81 1.64
CA THR A 228 -12.14 8.55 2.19
C THR A 228 -10.96 7.98 1.38
N PRO A 229 -9.84 8.71 1.31
CA PRO A 229 -8.68 8.16 0.59
C PRO A 229 -8.16 6.89 1.25
N SER A 230 -7.69 5.96 0.43
CA SER A 230 -7.24 4.65 0.94
C SER A 230 -5.76 4.43 0.68
N GLY A 231 -5.37 4.13 -0.56
CA GLY A 231 -3.98 3.80 -0.83
C GLY A 231 -3.12 5.02 -1.06
N VAL A 232 -1.82 4.87 -0.78
CA VAL A 232 -0.84 5.91 -1.00
C VAL A 232 0.47 5.27 -1.44
N ALA A 233 1.16 5.96 -2.35
CA ALA A 233 2.48 5.54 -2.79
C ALA A 233 3.30 6.78 -3.12
N VAL A 234 4.62 6.63 -3.08
CA VAL A 234 5.54 7.72 -3.36
C VAL A 234 6.65 7.19 -4.28
N ASP A 235 7.00 7.96 -5.29
CA ASP A 235 8.06 7.56 -6.22
C ASP A 235 9.37 8.24 -5.85
N SER A 236 10.41 7.96 -6.65
CA SER A 236 11.75 8.44 -6.33
C SER A 236 11.86 9.96 -6.40
N ALA A 237 10.98 10.62 -7.14
CA ALA A 237 10.98 12.07 -7.22
C ALA A 237 10.20 12.73 -6.09
N GLY A 238 9.59 11.95 -5.20
CA GLY A 238 8.78 12.51 -4.15
C GLY A 238 7.34 12.79 -4.53
N THR A 239 6.92 12.38 -5.73
CA THR A 239 5.52 12.53 -6.11
C THR A 239 4.66 11.55 -5.32
N VAL A 240 3.54 12.05 -4.81
CA VAL A 240 2.64 11.29 -3.96
C VAL A 240 1.40 10.92 -4.75
N TYR A 241 1.06 9.64 -4.77
CA TYR A 241 -0.11 9.12 -5.46
C TYR A 241 -1.10 8.59 -4.44
N VAL A 242 -2.38 8.91 -4.62
CA VAL A 242 -3.42 8.58 -3.64
C VAL A 242 -4.63 8.04 -4.37
N THR A 243 -5.15 6.91 -3.91
CA THR A 243 -6.42 6.39 -4.41
C THR A 243 -7.56 7.04 -3.64
N ASP A 244 -8.39 7.80 -4.35
CA ASP A 244 -9.53 8.50 -3.77
C ASP A 244 -10.75 7.57 -3.82
N HIS A 245 -10.76 6.67 -2.87
CA HIS A 245 -11.79 5.63 -2.81
C HIS A 245 -13.19 6.20 -3.09
N GLY A 246 -13.63 7.20 -2.34
CA GLY A 246 -15.00 7.70 -2.42
C GLY A 246 -15.33 8.42 -3.72
N ASN A 247 -14.31 8.87 -4.46
CA ASN A 247 -14.53 9.61 -5.70
C ASN A 247 -14.13 8.82 -6.93
N ASN A 248 -13.77 7.54 -6.78
CA ASN A 248 -13.49 6.66 -7.91
C ASN A 248 -12.39 7.22 -8.80
N ARG A 249 -11.32 7.74 -8.20
CA ARG A 249 -10.25 8.34 -8.96
C ARG A 249 -8.93 8.16 -8.24
N VAL A 250 -7.85 8.35 -8.98
CA VAL A 250 -6.49 8.37 -8.46
C VAL A 250 -5.91 9.74 -8.77
N VAL A 251 -5.31 10.37 -7.76
CA VAL A 251 -4.75 11.70 -7.91
C VAL A 251 -3.29 11.65 -7.51
N LYS A 252 -2.52 12.62 -8.02
CA LYS A 252 -1.11 12.71 -7.68
C LYS A 252 -0.74 14.16 -7.41
N LEU A 253 0.32 14.32 -6.63
CA LEU A 253 0.78 15.64 -6.18
C LEU A 253 2.31 15.62 -6.22
N ALA A 254 2.89 16.41 -7.13
CA ALA A 254 4.34 16.51 -7.19
C ALA A 254 4.88 17.13 -5.91
N ALA A 255 6.12 16.79 -5.58
CA ALA A 255 6.77 17.26 -4.36
C ALA A 255 6.78 18.79 -4.30
#